data_7QFU
#
_entry.id   7QFU
#
_cell.length_a   62.549
_cell.length_b   62.549
_cell.length_c   93.219
_cell.angle_alpha   90.000
_cell.angle_beta   90.000
_cell.angle_gamma   120.000
#
_symmetry.space_group_name_H-M   'P 31 2 1'
#
loop_
_entity.id
_entity.type
_entity.pdbx_description
1 polymer 'Peptidoglycan hydrolase'
2 non-polymer GLYCEROL
3 water water
#
_entity_poly.entity_id   1
_entity_poly.type   'polypeptide(L)'
_entity_poly.pdbx_seq_one_letter_code
;MGSALSPTQSPSEFIAELAR(CSO)AQPIAQANDLYASVMMAQAIVESGWGASTLSKAPNYNLFGIKGSYNGQSVYMDTW
EYLNGKWLVKKEPFRKYPSYMESFQDNAHVLKTTSFQAGVYYYAGAWKSNTSSYRDATAWLTGRYATDPSYNAKLNNVIT
AYNLTQYDTPSSGSHHHHHH
;
_entity_poly.pdbx_strand_id   A
#
# COMPACT_ATOMS: atom_id res chain seq x y z
N ALA A 4 8.23 1.72 -18.55
CA ALA A 4 7.67 2.77 -17.51
C ALA A 4 7.02 2.00 -16.35
N LEU A 5 6.49 2.69 -15.29
CA LEU A 5 5.70 1.97 -14.22
C LEU A 5 4.51 1.33 -14.92
N SER A 6 3.97 2.03 -15.93
CA SER A 6 2.89 1.53 -16.76
C SER A 6 3.03 2.04 -18.18
N PRO A 7 3.12 1.15 -19.19
CA PRO A 7 3.31 -0.29 -19.07
C PRO A 7 4.76 -0.60 -18.71
N THR A 8 4.98 -1.73 -18.06
CA THR A 8 6.31 -2.11 -17.57
C THR A 8 6.77 -3.36 -18.32
N GLN A 9 8.08 -3.48 -18.44
CA GLN A 9 8.66 -4.61 -19.23
C GLN A 9 8.64 -5.93 -18.46
N SER A 10 8.67 -5.84 -17.12
CA SER A 10 8.80 -7.01 -16.28
C SER A 10 8.53 -6.60 -14.84
N PRO A 11 8.30 -7.58 -13.95
CA PRO A 11 8.29 -7.28 -12.52
C PRO A 11 9.59 -6.60 -12.05
N SER A 12 10.75 -7.02 -12.65
CA SER A 12 12.04 -6.44 -12.28
C SER A 12 12.05 -4.92 -12.53
N GLU A 13 11.53 -4.52 -13.71
CA GLU A 13 11.49 -3.10 -14.01
C GLU A 13 10.63 -2.36 -12.95
N PHE A 14 9.43 -2.89 -12.76
CA PHE A 14 8.43 -2.27 -11.86
C PHE A 14 9.01 -2.10 -10.46
N ILE A 15 9.65 -3.18 -9.99
CA ILE A 15 10.29 -3.19 -8.66
C ILE A 15 11.39 -2.15 -8.54
N ALA A 16 12.30 -2.12 -9.55
CA ALA A 16 13.35 -1.14 -9.48
C ALA A 16 12.82 0.31 -9.46
N GLU A 17 11.78 0.58 -10.23
CA GLU A 17 11.20 1.91 -10.26
C GLU A 17 10.48 2.20 -8.92
N LEU A 18 9.77 1.21 -8.35
CA LEU A 18 9.12 1.45 -7.02
C LEU A 18 10.19 1.77 -5.97
N ALA A 19 11.32 1.04 -5.99
CA ALA A 19 12.32 1.19 -4.96
C ALA A 19 12.87 2.62 -4.88
N ARG A 20 13.02 3.28 -6.06
CA ARG A 20 13.57 4.60 -6.09
CA ARG A 20 13.58 4.60 -6.05
C ARG A 20 12.74 5.54 -5.22
N ALA A 22 10.19 4.33 -2.89
CA ALA A 22 9.83 3.71 -1.61
C ALA A 22 10.99 3.71 -0.63
N GLN A 23 12.22 3.46 -1.08
CA GLN A 23 13.29 3.28 -0.12
C GLN A 23 13.47 4.54 0.72
N PRO A 24 13.61 5.74 0.12
CA PRO A 24 13.83 6.97 0.88
C PRO A 24 12.63 7.28 1.78
N ILE A 25 11.43 7.08 1.25
CA ILE A 25 10.24 7.46 2.03
C ILE A 25 10.09 6.54 3.23
N ALA A 26 10.24 5.24 3.01
CA ALA A 26 10.18 4.26 4.10
C ALA A 26 11.25 4.55 5.17
N GLN A 27 12.50 4.82 4.77
CA GLN A 27 13.56 5.11 5.69
C GLN A 27 13.26 6.34 6.54
N ALA A 28 12.66 7.37 5.92
CA ALA A 28 12.41 8.62 6.58
C ALA A 28 11.25 8.48 7.56
N ASN A 29 10.47 7.41 7.42
CA ASN A 29 9.20 7.31 8.15
C ASN A 29 9.09 6.07 9.05
N ASP A 30 10.16 5.35 9.34
CA ASP A 30 10.12 4.18 10.20
C ASP A 30 9.16 3.12 9.63
N LEU A 31 9.24 2.86 8.32
CA LEU A 31 8.45 1.84 7.68
C LEU A 31 9.37 0.89 6.91
N TYR A 32 8.87 -0.31 6.62
CA TYR A 32 9.57 -1.22 5.74
C TYR A 32 9.33 -0.81 4.28
N ALA A 33 10.44 -0.66 3.52
CA ALA A 33 10.32 -0.43 2.07
C ALA A 33 9.68 -1.65 1.40
N SER A 34 10.07 -2.83 1.89
CA SER A 34 9.56 -4.11 1.33
CA SER A 34 9.57 -4.11 1.37
C SER A 34 8.03 -4.12 1.39
N VAL A 35 7.50 -3.77 2.57
CA VAL A 35 6.03 -3.77 2.75
C VAL A 35 5.34 -2.73 1.84
N MET A 36 5.97 -1.54 1.75
CA MET A 36 5.49 -0.50 0.89
C MET A 36 5.42 -0.99 -0.57
N MET A 37 6.56 -1.57 -1.01
CA MET A 37 6.60 -2.02 -2.40
C MET A 37 5.62 -3.18 -2.68
N ALA A 38 5.47 -4.09 -1.70
CA ALA A 38 4.50 -5.18 -1.82
C ALA A 38 3.07 -4.60 -1.92
N GLN A 39 2.78 -3.58 -1.08
CA GLN A 39 1.44 -3.03 -1.14
C GLN A 39 1.17 -2.41 -2.51
N ALA A 40 2.19 -1.74 -3.11
CA ALA A 40 1.96 -1.14 -4.43
C ALA A 40 1.71 -2.27 -5.47
N ILE A 41 2.53 -3.34 -5.41
CA ILE A 41 2.36 -4.44 -6.36
C ILE A 41 0.96 -5.07 -6.24
N VAL A 42 0.53 -5.37 -4.99
CA VAL A 42 -0.70 -6.09 -4.79
C VAL A 42 -1.91 -5.18 -5.03
N GLU A 43 -1.85 -3.95 -4.54
CA GLU A 43 -3.01 -3.04 -4.67
C GLU A 43 -3.24 -2.66 -6.11
N SER A 44 -2.13 -2.44 -6.85
CA SER A 44 -2.22 -1.92 -8.24
C SER A 44 -2.27 -3.04 -9.29
N GLY A 45 -1.98 -4.28 -8.91
CA GLY A 45 -1.80 -5.36 -9.89
C GLY A 45 -0.65 -5.09 -10.87
N TRP A 46 0.52 -4.83 -10.30
CA TRP A 46 1.71 -4.49 -11.12
C TRP A 46 1.43 -3.27 -11.98
N GLY A 47 0.71 -2.27 -11.45
CA GLY A 47 0.54 -1.01 -12.09
C GLY A 47 -0.49 -1.03 -13.22
N ALA A 48 -1.27 -2.10 -13.33
CA ALA A 48 -2.27 -2.26 -14.41
C ALA A 48 -3.62 -1.61 -14.08
N SER A 49 -3.95 -1.46 -12.79
CA SER A 49 -5.31 -1.01 -12.45
C SER A 49 -5.54 0.42 -12.95
N THR A 50 -6.78 0.68 -13.34
CA THR A 50 -7.21 2.03 -13.71
C THR A 50 -6.94 3.02 -12.57
N LEU A 51 -7.17 2.57 -11.33
CA LEU A 51 -6.94 3.45 -10.18
C LEU A 51 -5.47 3.88 -10.06
N SER A 52 -4.57 2.96 -10.47
CA SER A 52 -3.14 3.21 -10.25
C SER A 52 -2.52 4.01 -11.41
N LYS A 53 -3.22 4.07 -12.54
CA LYS A 53 -2.63 4.74 -13.72
C LYS A 53 -3.05 6.22 -13.75
N ALA A 54 -2.33 7.04 -14.51
CA ALA A 54 -2.76 8.42 -14.79
C ALA A 54 -4.21 8.39 -15.23
N PRO A 55 -5.05 9.35 -14.74
CA PRO A 55 -4.67 10.55 -14.01
C PRO A 55 -4.91 10.39 -12.50
N ASN A 56 -5.01 9.15 -12.06
CA ASN A 56 -5.33 8.83 -10.63
C ASN A 56 -4.06 8.57 -9.81
N TYR A 57 -3.16 7.74 -10.37
CA TYR A 57 -1.84 7.47 -9.79
C TYR A 57 -1.86 6.87 -8.38
N ASN A 58 -2.98 6.21 -8.02
CA ASN A 58 -3.08 5.66 -6.69
C ASN A 58 -2.59 4.21 -6.68
N LEU A 59 -1.29 4.04 -6.35
CA LEU A 59 -0.68 2.70 -6.39
C LEU A 59 -1.05 1.81 -5.21
N PHE A 60 -1.70 2.42 -4.19
CA PHE A 60 -1.74 1.78 -2.88
C PHE A 60 -3.17 1.51 -2.40
N GLY A 61 -4.16 1.62 -3.28
CA GLY A 61 -5.58 1.36 -2.87
C GLY A 61 -6.01 2.24 -1.71
N ILE A 62 -5.57 3.49 -1.69
CA ILE A 62 -5.83 4.36 -0.54
C ILE A 62 -7.20 4.98 -0.76
N LYS A 63 -8.06 4.81 0.29
CA LYS A 63 -9.43 5.26 0.21
C LYS A 63 -9.58 6.70 0.77
N GLY A 64 -10.73 7.27 0.42
CA GLY A 64 -11.05 8.60 0.85
C GLY A 64 -10.66 9.61 -0.21
N SER A 65 -10.08 10.70 0.24
CA SER A 65 -9.80 11.83 -0.63
CA SER A 65 -9.84 11.87 -0.57
C SER A 65 -8.41 12.36 -0.28
N TYR A 66 -7.78 12.97 -1.28
CA TYR A 66 -6.46 13.60 -1.13
C TYR A 66 -6.59 15.07 -1.51
N ASN A 67 -6.56 15.95 -0.48
CA ASN A 67 -6.84 17.36 -0.69
C ASN A 67 -8.12 17.52 -1.51
N GLY A 68 -9.17 16.76 -1.10
CA GLY A 68 -10.44 16.89 -1.72
C GLY A 68 -10.65 16.16 -3.03
N GLN A 69 -9.62 15.46 -3.53
CA GLN A 69 -9.63 14.81 -4.85
C GLN A 69 -9.85 13.31 -4.64
N SER A 70 -10.86 12.75 -5.33
CA SER A 70 -11.32 11.41 -5.15
C SER A 70 -11.79 10.84 -6.49
N VAL A 71 -11.78 9.51 -6.63
CA VAL A 71 -12.43 8.83 -7.73
C VAL A 71 -13.18 7.61 -7.17
N TYR A 72 -14.42 7.42 -7.63
CA TYR A 72 -15.29 6.37 -7.13
C TYR A 72 -15.06 5.13 -7.99
N MET A 73 -14.75 3.98 -7.38
CA MET A 73 -14.57 2.77 -8.16
CA MET A 73 -14.40 2.73 -8.11
C MET A 73 -15.11 1.54 -7.44
N ASP A 74 -15.55 0.59 -8.27
CA ASP A 74 -15.98 -0.72 -7.80
C ASP A 74 -14.75 -1.43 -7.23
N THR A 75 -14.93 -2.08 -6.07
CA THR A 75 -13.82 -2.69 -5.30
C THR A 75 -14.40 -3.90 -4.54
N TRP A 76 -13.64 -4.99 -4.49
CA TRP A 76 -13.99 -6.13 -3.66
C TRP A 76 -13.66 -5.85 -2.20
N GLU A 77 -14.65 -6.13 -1.35
CA GLU A 77 -14.52 -6.12 0.09
C GLU A 77 -15.00 -7.45 0.63
N TYR A 78 -14.34 -7.87 1.71
CA TYR A 78 -14.70 -9.06 2.47
C TYR A 78 -15.37 -8.59 3.77
N LEU A 79 -16.69 -8.83 3.87
CA LEU A 79 -17.48 -8.31 5.01
C LEU A 79 -18.35 -9.45 5.55
N ASN A 80 -18.20 -9.72 6.86
CA ASN A 80 -18.98 -10.69 7.58
C ASN A 80 -19.00 -12.00 6.79
N GLY A 81 -17.81 -12.42 6.34
CA GLY A 81 -17.58 -13.76 5.76
C GLY A 81 -17.93 -13.87 4.29
N LYS A 82 -18.19 -12.75 3.60
CA LYS A 82 -18.59 -12.73 2.20
C LYS A 82 -17.75 -11.72 1.40
N TRP A 83 -17.35 -12.11 0.19
CA TRP A 83 -16.82 -11.18 -0.80
C TRP A 83 -17.97 -10.48 -1.54
N LEU A 84 -17.92 -9.15 -1.58
CA LEU A 84 -18.98 -8.26 -2.12
C LEU A 84 -18.27 -7.19 -2.96
N VAL A 85 -18.93 -6.75 -4.03
CA VAL A 85 -18.47 -5.59 -4.79
C VAL A 85 -19.13 -4.36 -4.15
N LYS A 86 -18.32 -3.36 -3.83
CA LYS A 86 -18.77 -2.11 -3.30
C LYS A 86 -18.22 -0.99 -4.15
N LYS A 87 -18.95 0.10 -4.32
CA LYS A 87 -18.41 1.27 -4.97
C LYS A 87 -17.90 2.21 -3.88
N GLU A 88 -16.62 2.58 -3.95
CA GLU A 88 -15.98 3.28 -2.87
C GLU A 88 -15.09 4.41 -3.37
N PRO A 89 -14.89 5.44 -2.53
CA PRO A 89 -14.09 6.59 -2.90
C PRO A 89 -12.61 6.30 -2.65
N PHE A 90 -11.81 6.52 -3.69
CA PHE A 90 -10.34 6.38 -3.58
C PHE A 90 -9.65 7.72 -3.85
N ARG A 91 -8.47 7.87 -3.26
CA ARG A 91 -7.71 9.09 -3.41
C ARG A 91 -7.20 9.19 -4.85
N LYS A 92 -7.14 10.44 -5.31
CA LYS A 92 -6.65 10.77 -6.62
C LYS A 92 -5.47 11.73 -6.43
N TYR A 93 -4.34 11.42 -7.12
CA TYR A 93 -3.07 12.11 -6.93
C TYR A 93 -2.61 12.79 -8.21
N PRO A 94 -1.72 13.80 -8.13
CA PRO A 94 -1.22 14.45 -9.33
C PRO A 94 -0.02 13.78 -10.02
N SER A 95 0.60 12.85 -9.33
CA SER A 95 1.69 12.09 -9.89
C SER A 95 1.87 10.83 -9.05
N TYR A 96 2.73 9.90 -9.46
CA TYR A 96 2.97 8.71 -8.68
C TYR A 96 3.62 9.01 -7.33
N MET A 97 4.40 10.09 -7.23
CA MET A 97 5.16 10.32 -5.98
C MET A 97 4.22 10.51 -4.79
N GLU A 98 3.13 11.26 -4.99
CA GLU A 98 2.28 11.63 -3.81
C GLU A 98 1.66 10.37 -3.24
N SER A 99 1.40 9.34 -4.07
CA SER A 99 0.77 8.11 -3.50
CA SER A 99 0.85 8.06 -3.62
C SER A 99 1.73 7.41 -2.55
N PHE A 100 3.06 7.41 -2.83
CA PHE A 100 4.00 6.84 -1.89
C PHE A 100 4.01 7.64 -0.57
N GLN A 101 4.10 8.97 -0.71
CA GLN A 101 4.11 9.86 0.45
C GLN A 101 2.82 9.63 1.26
N ASP A 102 1.70 9.47 0.55
CA ASP A 102 0.40 9.36 1.24
C ASP A 102 0.24 7.99 1.90
N ASN A 103 0.77 6.91 1.30
CA ASN A 103 0.78 5.62 1.98
C ASN A 103 1.53 5.75 3.31
N ALA A 104 2.69 6.41 3.30
CA ALA A 104 3.45 6.59 4.54
C ALA A 104 2.63 7.43 5.52
N HIS A 105 2.00 8.48 5.02
CA HIS A 105 1.24 9.37 5.88
C HIS A 105 0.09 8.60 6.53
N VAL A 106 -0.61 7.81 5.73
CA VAL A 106 -1.72 7.02 6.25
C VAL A 106 -1.21 6.10 7.34
N LEU A 107 -0.10 5.38 7.13
CA LEU A 107 0.35 4.45 8.11
C LEU A 107 0.82 5.17 9.38
N LYS A 108 1.50 6.31 9.23
CA LYS A 108 2.12 6.96 10.37
C LYS A 108 1.10 7.77 11.20
N THR A 109 0.01 8.26 10.58
CA THR A 109 -0.82 9.28 11.26
C THR A 109 -2.27 8.87 11.44
N THR A 110 -2.73 7.78 10.85
CA THR A 110 -4.16 7.44 10.99
C THR A 110 -4.46 7.14 12.47
N SER A 111 -5.50 7.82 12.99
CA SER A 111 -5.90 7.65 14.40
C SER A 111 -7.41 7.89 14.52
N PHE A 112 -8.06 6.94 15.17
CA PHE A 112 -9.50 7.01 15.51
C PHE A 112 -9.74 7.36 16.97
N GLN A 113 -8.69 7.37 17.77
CA GLN A 113 -8.81 7.68 19.21
C GLN A 113 -7.55 8.42 19.65
N ALA A 114 -7.68 9.40 20.53
CA ALA A 114 -6.54 10.21 20.96
C ALA A 114 -5.41 9.31 21.46
N GLY A 115 -4.20 9.58 20.94
CA GLY A 115 -3.01 8.92 21.36
C GLY A 115 -2.86 7.50 20.79
N VAL A 116 -3.77 7.03 19.94
CA VAL A 116 -3.69 5.67 19.41
C VAL A 116 -3.57 5.71 17.88
N TYR A 117 -2.43 5.21 17.39
CA TYR A 117 -2.17 5.17 15.95
C TYR A 117 -2.56 3.78 15.43
N TYR A 118 -3.53 3.76 14.51
CA TYR A 118 -4.17 2.55 14.10
CA TYR A 118 -4.24 2.55 13.99
C TYR A 118 -3.21 1.56 13.44
N TYR A 119 -2.20 2.09 12.73
CA TYR A 119 -1.25 1.25 12.04
C TYR A 119 0.07 1.13 12.80
N ALA A 120 0.16 1.41 14.09
CA ALA A 120 1.40 1.44 14.81
C ALA A 120 2.15 0.10 14.76
N GLY A 121 1.40 -0.99 14.60
CA GLY A 121 1.98 -2.33 14.57
C GLY A 121 2.69 -2.60 13.26
N ALA A 122 2.55 -1.70 12.27
CA ALA A 122 3.30 -1.83 11.01
C ALA A 122 4.51 -0.90 10.97
N TRP A 123 4.78 -0.13 12.01
CA TRP A 123 5.99 0.71 12.08
C TRP A 123 7.19 -0.20 12.37
N LYS A 124 8.30 0.01 11.63
CA LYS A 124 9.40 -0.91 11.72
C LYS A 124 9.90 -1.07 13.18
N SER A 125 10.01 0.05 13.90
CA SER A 125 10.50 0.06 15.28
C SER A 125 9.59 -0.73 16.24
N ASN A 126 8.35 -1.02 15.81
CA ASN A 126 7.40 -1.78 16.66
C ASN A 126 7.32 -3.26 16.21
N THR A 127 8.28 -3.72 15.41
CA THR A 127 8.20 -5.07 14.82
C THR A 127 9.52 -5.83 15.05
N SER A 128 9.46 -7.18 14.90
CA SER A 128 10.69 -8.00 14.77
C SER A 128 11.05 -8.27 13.30
N SER A 129 10.06 -8.32 12.42
CA SER A 129 10.31 -8.52 10.98
C SER A 129 9.18 -7.87 10.20
N TYR A 130 9.32 -7.83 8.89
CA TYR A 130 8.30 -7.31 8.01
C TYR A 130 6.98 -8.10 8.21
N ARG A 131 7.05 -9.37 8.64
CA ARG A 131 5.86 -10.23 8.73
CA ARG A 131 5.83 -10.19 8.70
C ARG A 131 4.90 -9.66 9.78
N ASP A 132 5.45 -9.02 10.81
CA ASP A 132 4.60 -8.39 11.88
C ASP A 132 3.81 -7.24 11.24
N ALA A 133 4.46 -6.48 10.36
CA ALA A 133 3.85 -5.31 9.70
C ALA A 133 2.75 -5.76 8.74
N THR A 134 3.02 -6.79 7.91
CA THR A 134 2.00 -7.22 6.97
C THR A 134 0.79 -7.79 7.75
N ALA A 135 1.06 -8.52 8.83
CA ALA A 135 -0.01 -9.08 9.66
C ALA A 135 -0.86 -7.95 10.24
N TRP A 136 -0.21 -6.88 10.71
CA TRP A 136 -0.96 -5.79 11.33
C TRP A 136 -1.92 -5.14 10.30
N LEU A 137 -1.53 -5.07 9.03
CA LEU A 137 -2.34 -4.39 8.01
C LEU A 137 -3.64 -5.15 7.74
N THR A 138 -3.62 -6.46 7.96
CA THR A 138 -4.73 -7.31 7.60
C THR A 138 -5.91 -7.01 8.55
N GLY A 139 -7.05 -6.72 7.94
CA GLY A 139 -8.27 -6.35 8.70
C GLY A 139 -8.29 -4.89 9.12
N ARG A 140 -7.24 -4.11 8.80
CA ARG A 140 -7.14 -2.72 9.08
C ARG A 140 -7.09 -1.93 7.78
N TYR A 141 -5.99 -2.12 7.02
CA TYR A 141 -5.80 -1.40 5.77
C TYR A 141 -6.75 -1.91 4.68
N ALA A 142 -7.02 -3.22 4.73
CA ALA A 142 -7.80 -3.93 3.74
C ALA A 142 -8.57 -5.04 4.45
N THR A 143 -9.71 -5.39 3.88
CA THR A 143 -10.59 -6.41 4.48
C THR A 143 -10.21 -7.83 4.07
N ASP A 144 -9.40 -7.95 3.00
CA ASP A 144 -9.00 -9.27 2.52
C ASP A 144 -8.37 -10.04 3.69
N PRO A 145 -8.93 -11.19 4.12
CA PRO A 145 -8.38 -11.90 5.28
C PRO A 145 -7.02 -12.57 4.99
N SER A 146 -6.65 -12.64 3.71
CA SER A 146 -5.35 -13.18 3.24
C SER A 146 -4.38 -12.05 2.86
N TYR A 147 -4.66 -10.81 3.27
CA TYR A 147 -3.87 -9.66 2.78
C TYR A 147 -2.40 -9.88 3.12
N ASN A 148 -2.09 -10.23 4.38
CA ASN A 148 -0.68 -10.36 4.75
C ASN A 148 -0.02 -11.47 3.95
N ALA A 149 -0.76 -12.55 3.63
CA ALA A 149 -0.17 -13.67 2.84
C ALA A 149 0.18 -13.20 1.42
N LYS A 150 -0.68 -12.35 0.85
CA LYS A 150 -0.41 -11.79 -0.48
CA LYS A 150 -0.44 -11.78 -0.49
C LYS A 150 0.80 -10.88 -0.45
N LEU A 151 0.94 -10.01 0.54
CA LEU A 151 2.10 -9.13 0.66
C LEU A 151 3.34 -9.99 0.88
N ASN A 152 3.27 -10.95 1.80
CA ASN A 152 4.46 -11.74 2.18
C ASN A 152 4.97 -12.51 0.95
N ASN A 153 4.05 -13.07 0.16
CA ASN A 153 4.38 -13.88 -1.00
C ASN A 153 5.13 -13.04 -2.05
N VAL A 154 4.77 -11.78 -2.22
CA VAL A 154 5.49 -10.85 -3.10
C VAL A 154 6.86 -10.52 -2.52
N ILE A 155 6.96 -10.28 -1.22
CA ILE A 155 8.20 -9.92 -0.58
C ILE A 155 9.19 -11.08 -0.79
N THR A 156 8.74 -12.31 -0.55
CA THR A 156 9.64 -13.47 -0.61
C THR A 156 10.00 -13.80 -2.06
N ALA A 157 9.02 -13.76 -2.97
CA ALA A 157 9.28 -14.10 -4.37
C ALA A 157 10.31 -13.15 -5.00
N TYR A 158 10.37 -11.89 -4.56
CA TYR A 158 11.18 -10.83 -5.22
C TYR A 158 12.26 -10.32 -4.27
N ASN A 159 12.46 -11.01 -3.13
CA ASN A 159 13.47 -10.64 -2.16
C ASN A 159 13.38 -9.16 -1.86
N LEU A 160 12.16 -8.66 -1.52
CA LEU A 160 12.04 -7.22 -1.39
C LEU A 160 12.72 -6.64 -0.13
N THR A 161 13.07 -7.47 0.88
CA THR A 161 13.78 -6.92 2.05
C THR A 161 15.19 -6.43 1.71
N GLN A 162 15.67 -6.70 0.48
CA GLN A 162 16.93 -6.11 0.02
C GLN A 162 16.83 -4.58 0.05
N TYR A 163 15.58 -4.07 0.00
CA TYR A 163 15.40 -2.63 -0.01
C TYR A 163 15.21 -2.03 1.37
N ASP A 164 15.25 -2.84 2.43
CA ASP A 164 15.00 -2.36 3.78
C ASP A 164 16.28 -1.87 4.44
N THR A 165 16.17 -0.96 5.44
CA THR A 165 17.38 -0.38 6.09
C THR A 165 16.98 0.67 7.12
#